data_6XKQ
#
_entry.id   6XKQ
#
_cell.length_a   67.970
_cell.length_b   80.070
_cell.length_c   153.685
_cell.angle_alpha   90.000
_cell.angle_beta   90.000
_cell.angle_gamma   90.000
#
_symmetry.space_group_name_H-M   'P 21 21 21'
#
loop_
_entity.id
_entity.type
_entity.pdbx_description
1 polymer 'Spike protein S1'
2 polymer 'CV07-250 Heavy Chain'
3 polymer 'CV07-250 Light Chain'
4 non-polymer 2-acetamido-2-deoxy-beta-D-glucopyranose
5 water water
#
loop_
_entity_poly.entity_id
_entity_poly.type
_entity_poly.pdbx_seq_one_letter_code
_entity_poly.pdbx_strand_id
1 'polypeptide(L)'
;RVQPTESIVRFPNITNLCPFGEVFNATRFASVYAWNRKRISNCVADYSVLYNSASFSTFKCYGVSPTKLNDLCFTNVYAD
SFVIRGDEVRQIAPGQTGKIADYNYKLPDDFTGCVIAWNSNNLDSKVGGNYNYLYRLFRKSNLKPFERDISTEIYQAGST
PCNGVEGFNCYFPLQSYGFQPTNGVGYQPYRVVVLSFELLHAPATVCGPKKSTNLVKNKCVNFSGHHHHHH
;
A
2 'polypeptide(L)'
;QVQLVQSEAEVKEPGASVEVSCKASGYNFTNFAISWVRQAPGQGLEWMGWISGYNGDTNSAQKFLGRVTMTTDTSTTTAY
MELRSLRSDDTAVYYCAGSDNYGFPYNGMDVWGQGTTVTVFNQIKPPSVFPLAPSSKSTSGGTAALGCLVKDYFPEPVTV
SWNSGALTSGVHTFPAVLQSSGLYSLSSVVTVPSSSLGTQTYICNVNHKPSNTKVDKKVEPKSC
;
H
3 'polypeptide(L)'
;QSALTQPPSASGSPGQSVTISCTGTSSDLGAYHFVTWYQHYPGKAPKVMIYGVRKRPSGVPDRFSGSKSGNTASLTVSGL
QDEDEADYYCSSYAGNNDFVFGGGTKLTVLGQPKAAPSVTLFPPSSEELQANKATLVCLISDFYPGAVTVAWKADSSPVK
AGVETTTPSKQSNNKYAASSYLSLTPEQWKSHRSYSCQVTHEGSTVEKTVAPTECS
;
L
#
loop_
_chem_comp.id
_chem_comp.type
_chem_comp.name
_chem_comp.formula
NAG D-saccharide, beta linking 2-acetamido-2-deoxy-beta-D-glucopyranose 'C8 H15 N O6'
#
# COMPACT_ATOMS: atom_id res chain seq x y z
N PHE A 20 -29.07 -13.75 -39.62
CA PHE A 20 -28.52 -12.73 -38.71
C PHE A 20 -28.99 -12.96 -37.28
N GLY A 21 -30.15 -13.61 -37.15
CA GLY A 21 -30.67 -13.90 -35.82
C GLY A 21 -29.82 -14.91 -35.06
N GLU A 22 -29.24 -15.87 -35.77
CA GLU A 22 -28.34 -16.82 -35.14
C GLU A 22 -27.07 -16.16 -34.60
N VAL A 23 -26.77 -14.92 -35.04
CA VAL A 23 -25.56 -14.22 -34.62
C VAL A 23 -25.91 -13.18 -33.56
N PHE A 24 -26.64 -12.14 -33.97
CA PHE A 24 -26.93 -11.03 -33.07
C PHE A 24 -27.71 -11.48 -31.84
N ASN A 25 -28.69 -12.37 -32.04
CA ASN A 25 -29.55 -12.86 -30.97
C ASN A 25 -29.04 -14.16 -30.35
N ALA A 26 -27.74 -14.44 -30.45
CA ALA A 26 -27.19 -15.66 -29.87
C ALA A 26 -27.12 -15.56 -28.35
N THR A 27 -27.31 -16.70 -27.69
CA THR A 27 -27.30 -16.73 -26.23
C THR A 27 -25.92 -16.38 -25.69
N ARG A 28 -24.92 -17.18 -26.04
CA ARG A 28 -23.55 -16.98 -25.60
C ARG A 28 -22.71 -16.45 -26.75
N PHE A 29 -21.76 -15.57 -26.43
CA PHE A 29 -20.81 -15.04 -27.39
C PHE A 29 -19.42 -15.59 -27.11
N ALA A 30 -18.57 -15.55 -28.13
CA ALA A 30 -17.21 -16.07 -28.01
C ALA A 30 -16.29 -15.02 -27.37
N SER A 31 -15.16 -15.49 -26.86
CA SER A 31 -14.10 -14.57 -26.47
C SER A 31 -13.42 -14.00 -27.72
N VAL A 32 -12.81 -12.82 -27.55
CA VAL A 32 -12.21 -12.14 -28.70
C VAL A 32 -11.03 -12.92 -29.24
N TYR A 33 -10.30 -13.63 -28.38
CA TYR A 33 -9.18 -14.44 -28.87
C TYR A 33 -9.67 -15.62 -29.68
N ALA A 34 -10.86 -16.12 -29.37
CA ALA A 34 -11.44 -17.25 -30.08
C ALA A 34 -12.71 -16.82 -30.80
N TRP A 35 -12.63 -15.69 -31.51
CA TRP A 35 -13.81 -15.11 -32.13
C TRP A 35 -14.42 -16.06 -33.16
N ASN A 36 -15.73 -15.93 -33.34
CA ASN A 36 -16.48 -16.80 -34.24
C ASN A 36 -16.66 -16.14 -35.60
N ARG A 37 -16.79 -16.98 -36.63
CA ARG A 37 -17.10 -16.54 -37.98
C ARG A 37 -18.35 -17.27 -38.46
N LYS A 38 -19.24 -16.54 -39.15
CA LYS A 38 -20.47 -17.08 -39.68
C LYS A 38 -20.61 -16.66 -41.14
N VAL A 49 -31.55 -4.15 -42.77
CA VAL A 49 -31.75 -2.94 -41.98
C VAL A 49 -31.87 -3.37 -40.51
N LEU A 50 -30.72 -3.49 -39.84
CA LEU A 50 -30.65 -3.60 -38.40
C LEU A 50 -30.47 -2.26 -37.73
N TYR A 51 -30.29 -1.19 -38.51
CA TYR A 51 -30.15 0.14 -37.96
C TYR A 51 -31.38 0.53 -37.15
N ASN A 52 -32.55 0.02 -37.52
CA ASN A 52 -33.78 0.30 -36.78
C ASN A 52 -33.97 -0.70 -35.66
N SER A 57 -24.78 0.27 -29.91
CA SER A 57 -23.97 1.38 -29.41
C SER A 57 -23.10 1.97 -30.50
N THR A 58 -22.58 1.12 -31.39
CA THR A 58 -21.70 1.57 -32.47
C THR A 58 -22.07 0.85 -33.74
N PHE A 59 -22.46 1.61 -34.76
CA PHE A 59 -22.76 1.07 -36.08
C PHE A 59 -21.93 1.77 -37.14
N LYS A 60 -20.61 1.78 -36.97
CA LYS A 60 -19.70 2.47 -37.88
C LYS A 60 -19.40 1.57 -39.07
N CYS A 61 -19.70 2.05 -40.27
CA CYS A 61 -19.43 1.32 -41.50
C CYS A 61 -18.26 1.95 -42.24
N TYR A 62 -17.52 1.13 -42.97
CA TYR A 62 -16.26 1.51 -43.62
C TYR A 62 -16.34 1.15 -45.09
N GLY A 63 -16.20 2.15 -45.95
CA GLY A 63 -16.27 1.94 -47.38
C GLY A 63 -17.65 1.60 -47.91
N VAL A 64 -18.68 1.57 -47.06
CA VAL A 64 -20.03 1.19 -47.49
C VAL A 64 -21.01 2.07 -46.72
N ALA A 79 -19.66 -12.69 -40.93
CA ALA A 79 -19.93 -12.02 -39.67
C ALA A 79 -19.04 -12.59 -38.59
N ASP A 80 -18.44 -11.72 -37.78
CA ASP A 80 -17.49 -12.11 -36.75
C ASP A 80 -18.01 -11.69 -35.39
N SER A 81 -18.06 -12.64 -34.46
CA SER A 81 -18.65 -12.44 -33.15
C SER A 81 -17.58 -12.54 -32.07
N PHE A 82 -17.68 -11.65 -31.07
CA PHE A 82 -16.85 -11.74 -29.86
C PHE A 82 -17.32 -10.69 -28.86
N VAL A 83 -16.77 -10.77 -27.65
CA VAL A 83 -17.08 -9.85 -26.56
C VAL A 83 -15.78 -9.19 -26.11
N ILE A 84 -15.80 -7.86 -26.00
CA ILE A 84 -14.69 -7.09 -25.44
C ILE A 84 -15.28 -6.04 -24.50
N ARG A 85 -14.41 -5.37 -23.75
CA ARG A 85 -14.93 -4.26 -22.95
C ARG A 85 -15.10 -3.02 -23.83
N GLY A 86 -15.97 -2.11 -23.36
CA GLY A 86 -16.38 -0.98 -24.18
C GLY A 86 -15.24 -0.10 -24.63
N ASP A 87 -14.23 0.09 -23.76
CA ASP A 87 -13.07 0.91 -24.10
C ASP A 87 -12.23 0.32 -25.22
N GLU A 88 -12.35 -0.97 -25.47
CA GLU A 88 -11.57 -1.64 -26.49
C GLU A 88 -12.30 -1.73 -27.83
N VAL A 89 -13.50 -1.14 -27.92
CA VAL A 89 -14.26 -1.19 -29.17
C VAL A 89 -13.61 -0.32 -30.24
N ARG A 90 -12.98 0.79 -29.84
CA ARG A 90 -12.27 1.65 -30.79
C ARG A 90 -11.16 0.91 -31.53
N GLN A 91 -10.60 -0.15 -30.96
CA GLN A 91 -9.59 -0.92 -31.65
C GLN A 91 -10.15 -1.82 -32.74
N ILE A 92 -11.47 -2.03 -32.76
CA ILE A 92 -12.09 -2.81 -33.83
C ILE A 92 -12.37 -1.88 -35.00
N ALA A 93 -11.29 -1.36 -35.60
CA ALA A 93 -11.36 -0.45 -36.74
C ALA A 93 -10.06 -0.57 -37.51
N PRO A 94 -10.04 -0.25 -38.80
CA PRO A 94 -8.80 -0.32 -39.57
C PRO A 94 -7.73 0.62 -39.02
N GLY A 95 -6.48 0.16 -39.10
CA GLY A 95 -5.36 0.98 -38.70
C GLY A 95 -5.19 1.24 -37.23
N GLN A 96 -5.86 0.46 -36.36
CA GLN A 96 -5.77 0.66 -34.93
C GLN A 96 -4.74 -0.28 -34.31
N THR A 97 -4.24 0.12 -33.14
CA THR A 97 -3.29 -0.69 -32.38
C THR A 97 -3.78 -0.82 -30.94
N GLY A 98 -3.21 -1.79 -30.24
CA GLY A 98 -3.60 -2.12 -28.88
C GLY A 98 -3.63 -3.62 -28.66
N LYS A 99 -3.92 -4.04 -27.43
CA LYS A 99 -3.92 -5.47 -27.12
C LYS A 99 -4.96 -6.21 -27.96
N ILE A 100 -6.14 -5.61 -28.14
CA ILE A 100 -7.19 -6.29 -28.88
C ILE A 100 -6.87 -6.28 -30.37
N ALA A 101 -6.53 -5.11 -30.92
CA ALA A 101 -6.29 -5.01 -32.36
C ALA A 101 -5.06 -5.80 -32.80
N ASP A 102 -4.06 -5.94 -31.92
CA ASP A 102 -2.80 -6.55 -32.32
C ASP A 102 -2.68 -8.01 -31.92
N TYR A 103 -3.33 -8.43 -30.84
CA TYR A 103 -3.19 -9.79 -30.36
C TYR A 103 -4.43 -10.65 -30.52
N ASN A 104 -5.58 -10.06 -30.87
CA ASN A 104 -6.83 -10.81 -30.82
C ASN A 104 -7.61 -10.74 -32.13
N TYR A 105 -8.10 -9.56 -32.48
CA TYR A 105 -8.84 -9.37 -33.73
C TYR A 105 -8.24 -8.19 -34.50
N LYS A 106 -7.76 -8.45 -35.71
CA LYS A 106 -7.11 -7.45 -36.54
C LYS A 106 -7.94 -7.23 -37.80
N LEU A 107 -8.24 -5.96 -38.09
CA LEU A 107 -8.90 -5.52 -39.31
C LEU A 107 -7.89 -4.84 -40.24
N PRO A 108 -7.92 -5.14 -41.53
CA PRO A 108 -7.01 -4.47 -42.46
C PRO A 108 -7.46 -3.04 -42.73
N ASP A 109 -6.50 -2.21 -43.13
CA ASP A 109 -6.84 -0.85 -43.53
C ASP A 109 -7.70 -0.82 -44.78
N ASP A 110 -7.66 -1.88 -45.58
CA ASP A 110 -8.52 -2.03 -46.76
C ASP A 110 -9.90 -2.59 -46.42
N PHE A 111 -10.37 -2.40 -45.19
CA PHE A 111 -11.59 -3.05 -44.75
C PHE A 111 -12.82 -2.43 -45.41
N THR A 112 -13.68 -3.28 -45.96
CA THR A 112 -14.96 -2.89 -46.53
C THR A 112 -16.02 -3.67 -45.76
N GLY A 113 -16.66 -3.02 -44.80
CA GLY A 113 -17.64 -3.71 -43.98
C GLY A 113 -18.25 -2.79 -42.97
N CYS A 114 -18.76 -3.39 -41.89
CA CYS A 114 -19.47 -2.68 -40.85
C CYS A 114 -19.18 -3.31 -39.50
N VAL A 115 -18.86 -2.47 -38.51
CA VAL A 115 -18.57 -2.90 -37.15
C VAL A 115 -19.75 -2.50 -36.28
N ILE A 116 -20.40 -3.50 -35.66
CA ILE A 116 -21.55 -3.29 -34.79
C ILE A 116 -21.18 -3.71 -33.36
N ALA A 117 -21.81 -3.06 -32.39
CA ALA A 117 -21.53 -3.38 -30.99
C ALA A 117 -22.66 -2.85 -30.12
N TRP A 118 -22.89 -3.52 -29.00
CA TRP A 118 -23.87 -3.05 -28.04
C TRP A 118 -23.47 -3.51 -26.64
N ASN A 119 -23.87 -2.74 -25.64
CA ASN A 119 -23.53 -3.05 -24.26
C ASN A 119 -24.27 -4.30 -23.81
N SER A 120 -23.52 -5.32 -23.41
CA SER A 120 -24.12 -6.57 -22.94
C SER A 120 -23.80 -6.82 -21.47
N ASN A 121 -23.56 -5.75 -20.71
CA ASN A 121 -23.28 -5.88 -19.28
C ASN A 121 -24.38 -6.66 -18.57
N ASN A 122 -25.62 -6.45 -19.00
CA ASN A 122 -26.73 -7.16 -18.41
C ASN A 122 -26.63 -8.67 -18.61
N LEU A 123 -25.99 -9.12 -19.70
CA LEU A 123 -25.88 -10.54 -20.03
C LEU A 123 -24.54 -11.16 -19.67
N ASP A 124 -23.43 -10.43 -19.83
CA ASP A 124 -22.11 -11.04 -19.78
C ASP A 124 -21.32 -10.64 -18.53
N SER A 125 -21.99 -10.23 -17.47
CA SER A 125 -21.33 -9.87 -16.21
C SER A 125 -21.94 -10.64 -15.07
N LYS A 126 -21.08 -11.16 -14.19
CA LYS A 126 -21.49 -11.77 -12.93
C LYS A 126 -20.99 -10.89 -11.79
N VAL A 127 -21.72 -10.91 -10.66
CA VAL A 127 -21.38 -10.00 -9.57
C VAL A 127 -19.98 -10.28 -9.05
N GLY A 128 -19.58 -11.55 -9.00
CA GLY A 128 -18.20 -11.82 -8.62
C GLY A 128 -17.18 -11.69 -9.74
N GLY A 129 -17.62 -11.37 -10.96
CA GLY A 129 -16.75 -11.37 -12.12
C GLY A 129 -17.01 -12.54 -13.05
N ASN A 130 -17.19 -12.29 -14.34
CA ASN A 130 -17.34 -13.34 -15.34
C ASN A 130 -15.97 -13.59 -15.96
N TYR A 131 -15.32 -14.65 -15.52
CA TYR A 131 -13.98 -14.98 -15.97
C TYR A 131 -13.96 -15.91 -17.17
N ASN A 132 -15.12 -16.18 -17.77
CA ASN A 132 -15.19 -17.03 -18.95
C ASN A 132 -14.81 -16.30 -20.24
N TYR A 133 -14.78 -14.97 -20.22
CA TYR A 133 -14.34 -14.18 -21.37
C TYR A 133 -12.89 -13.76 -21.17
N LEU A 134 -12.05 -14.00 -22.18
CA LEU A 134 -10.62 -13.74 -22.09
C LEU A 134 -10.12 -13.09 -23.37
N TYR A 135 -8.93 -12.48 -23.27
CA TYR A 135 -8.22 -11.94 -24.42
C TYR A 135 -6.74 -12.30 -24.29
N ARG A 136 -6.01 -12.17 -25.41
CA ARG A 136 -4.60 -12.52 -25.45
C ARG A 136 -3.76 -11.35 -24.96
N LEU A 137 -3.08 -11.54 -23.82
CA LEU A 137 -2.23 -10.48 -23.25
C LEU A 137 -0.83 -10.48 -23.86
N PHE A 138 -0.31 -11.64 -24.24
CA PHE A 138 1.07 -11.77 -24.70
C PHE A 138 1.10 -12.48 -26.03
N ARG A 139 2.00 -12.04 -26.90
CA ARG A 139 2.21 -12.67 -28.20
C ARG A 139 3.51 -12.14 -28.77
N LYS A 140 4.27 -13.03 -29.42
CA LYS A 140 5.57 -12.65 -29.98
C LYS A 140 5.46 -11.81 -31.23
N SER A 141 4.27 -11.67 -31.82
CA SER A 141 4.08 -10.83 -32.98
C SER A 141 2.60 -10.47 -33.09
N ASN A 142 2.31 -9.47 -33.90
CA ASN A 142 0.93 -9.08 -34.14
C ASN A 142 0.30 -9.99 -35.20
N LEU A 143 -1.01 -10.16 -35.09
CA LEU A 143 -1.74 -10.93 -36.08
C LEU A 143 -1.89 -10.13 -37.36
N LYS A 144 -1.74 -10.81 -38.49
CA LYS A 144 -2.12 -10.25 -39.77
C LYS A 144 -3.64 -10.17 -39.84
N PRO A 145 -4.18 -9.35 -40.75
CA PRO A 145 -5.65 -9.14 -40.77
C PRO A 145 -6.44 -10.44 -40.84
N PHE A 146 -7.49 -10.50 -40.02
CA PHE A 146 -8.47 -11.60 -40.01
C PHE A 146 -7.85 -12.93 -39.59
N GLU A 147 -6.78 -12.89 -38.81
CA GLU A 147 -6.15 -14.08 -38.28
C GLU A 147 -6.67 -14.36 -36.86
N ARG A 148 -6.79 -15.65 -36.53
CA ARG A 148 -7.23 -16.10 -35.22
C ARG A 148 -6.11 -16.86 -34.53
N ASP A 149 -5.98 -16.69 -33.21
CA ASP A 149 -4.99 -17.39 -32.39
C ASP A 149 -5.70 -17.96 -31.18
N ILE A 150 -5.76 -19.29 -31.10
CA ILE A 150 -6.40 -19.97 -29.98
C ILE A 150 -5.38 -20.79 -29.17
N SER A 151 -4.10 -20.60 -29.43
CA SER A 151 -3.06 -21.35 -28.72
C SER A 151 -3.00 -20.92 -27.26
N THR A 152 -2.35 -21.77 -26.46
CA THR A 152 -2.19 -21.49 -25.04
C THR A 152 -0.78 -21.83 -24.57
N GLU A 153 0.20 -21.73 -25.47
CA GLU A 153 1.58 -21.99 -25.10
C GLU A 153 2.07 -20.93 -24.12
N ILE A 154 2.90 -21.35 -23.17
CA ILE A 154 3.35 -20.46 -22.12
C ILE A 154 4.35 -19.47 -22.70
N TYR A 155 4.14 -18.19 -22.41
CA TYR A 155 4.97 -17.13 -22.98
C TYR A 155 6.23 -16.98 -22.13
N GLN A 156 7.38 -17.22 -22.76
CA GLN A 156 8.67 -17.09 -22.08
C GLN A 156 9.11 -15.63 -22.10
N ALA A 157 9.03 -14.96 -20.95
CA ALA A 157 9.41 -13.55 -20.85
C ALA A 157 10.86 -13.34 -20.45
N GLY A 158 11.55 -14.38 -19.97
CA GLY A 158 12.92 -14.22 -19.57
C GLY A 158 13.81 -15.26 -20.21
N SER A 159 14.99 -15.47 -19.63
CA SER A 159 15.94 -16.45 -20.16
C SER A 159 15.60 -17.87 -19.74
N THR A 160 14.76 -18.03 -18.74
CA THR A 160 14.42 -19.36 -18.22
C THR A 160 13.33 -19.99 -19.08
N PRO A 161 13.57 -21.16 -19.67
CA PRO A 161 12.52 -21.80 -20.47
C PRO A 161 11.35 -22.26 -19.62
N CYS A 162 10.18 -22.33 -20.24
CA CYS A 162 8.99 -22.69 -19.49
C CYS A 162 8.69 -24.18 -19.55
N ASN A 163 8.89 -24.80 -20.71
CA ASN A 163 8.54 -26.20 -20.90
C ASN A 163 7.07 -26.45 -20.54
N GLY A 164 6.21 -25.55 -21.00
CA GLY A 164 4.79 -25.76 -20.90
C GLY A 164 4.17 -25.54 -19.53
N VAL A 165 4.85 -24.84 -18.63
CA VAL A 165 4.38 -24.62 -17.27
C VAL A 165 4.37 -23.13 -16.97
N GLU A 166 3.30 -22.66 -16.33
CA GLU A 166 3.27 -21.28 -15.86
C GLU A 166 4.29 -21.09 -14.76
N GLY A 167 5.03 -19.97 -14.82
CA GLY A 167 6.00 -19.65 -13.82
C GLY A 167 6.05 -18.16 -13.53
N PHE A 168 6.96 -17.78 -12.63
CA PHE A 168 7.09 -16.38 -12.24
C PHE A 168 7.35 -15.49 -13.44
N ASN A 169 8.11 -15.99 -14.42
CA ASN A 169 8.34 -15.27 -15.66
C ASN A 169 7.91 -16.09 -16.86
N CYS A 170 6.92 -16.94 -16.67
CA CYS A 170 6.39 -17.79 -17.74
C CYS A 170 4.87 -17.65 -17.70
N TYR A 171 4.34 -16.81 -18.59
CA TYR A 171 2.96 -16.35 -18.49
C TYR A 171 2.01 -17.24 -19.29
N PHE A 172 0.87 -17.53 -18.70
CA PHE A 172 -0.27 -17.95 -19.49
C PHE A 172 -0.66 -16.77 -20.39
N PRO A 173 -0.80 -16.97 -21.70
CA PRO A 173 -0.93 -15.81 -22.61
C PRO A 173 -2.31 -15.18 -22.61
N LEU A 174 -3.32 -15.84 -22.05
CA LEU A 174 -4.67 -15.31 -22.07
C LEU A 174 -4.99 -14.69 -20.71
N GLN A 175 -5.68 -13.55 -20.75
CA GLN A 175 -6.07 -12.84 -19.54
C GLN A 175 -7.59 -12.75 -19.49
N SER A 176 -8.17 -13.23 -18.40
CA SER A 176 -9.60 -13.17 -18.22
C SER A 176 -10.07 -11.75 -17.94
N TYR A 177 -11.28 -11.43 -18.40
CA TYR A 177 -11.82 -10.09 -18.19
C TYR A 177 -12.41 -9.91 -16.80
N GLY A 178 -13.12 -10.92 -16.28
CA GLY A 178 -13.79 -10.77 -15.01
C GLY A 178 -14.85 -9.69 -15.01
N PHE A 179 -15.74 -9.71 -16.01
CA PHE A 179 -16.75 -8.67 -16.15
C PHE A 179 -17.72 -8.65 -14.97
N GLN A 180 -17.90 -7.47 -14.38
CA GLN A 180 -18.77 -7.21 -13.25
C GLN A 180 -19.83 -6.18 -13.60
N PRO A 181 -21.08 -6.36 -13.15
CA PRO A 181 -22.15 -5.46 -13.58
C PRO A 181 -22.01 -4.04 -13.06
N THR A 182 -21.27 -3.84 -11.96
CA THR A 182 -21.07 -2.51 -11.39
C THR A 182 -19.79 -1.83 -11.90
N ASN A 183 -19.06 -2.46 -12.81
CA ASN A 183 -17.92 -1.82 -13.43
C ASN A 183 -18.36 -0.56 -14.19
N GLY A 184 -17.43 0.38 -14.32
CA GLY A 184 -17.68 1.54 -15.16
C GLY A 184 -17.98 1.10 -16.58
N VAL A 185 -18.86 1.85 -17.25
CA VAL A 185 -19.38 1.38 -18.53
C VAL A 185 -18.27 1.15 -19.55
N GLY A 186 -17.16 1.88 -19.45
CA GLY A 186 -16.03 1.61 -20.31
C GLY A 186 -15.41 0.24 -20.08
N TYR A 187 -15.58 -0.30 -18.87
CA TYR A 187 -15.08 -1.62 -18.52
C TYR A 187 -16.13 -2.71 -18.65
N GLN A 188 -17.37 -2.35 -18.99
CA GLN A 188 -18.43 -3.32 -19.13
C GLN A 188 -18.30 -4.06 -20.46
N PRO A 189 -18.91 -5.25 -20.57
CA PRO A 189 -18.74 -6.04 -21.79
C PRO A 189 -19.62 -5.55 -22.91
N TYR A 190 -19.08 -5.61 -24.12
CA TYR A 190 -19.77 -5.22 -25.34
C TYR A 190 -19.67 -6.35 -26.34
N ARG A 191 -20.81 -6.79 -26.86
CA ARG A 191 -20.82 -7.79 -27.92
C ARG A 191 -20.55 -7.08 -29.25
N VAL A 192 -19.63 -7.63 -30.04
CA VAL A 192 -19.20 -7.01 -31.28
C VAL A 192 -19.50 -7.95 -32.43
N VAL A 193 -20.10 -7.42 -33.49
CA VAL A 193 -20.34 -8.15 -34.73
C VAL A 193 -19.74 -7.35 -35.87
N VAL A 194 -18.80 -7.96 -36.59
CA VAL A 194 -18.11 -7.32 -37.71
C VAL A 194 -18.60 -7.98 -39.00
N LEU A 195 -19.24 -7.20 -39.87
CA LEU A 195 -19.76 -7.71 -41.13
C LEU A 195 -18.71 -7.51 -42.22
N SER A 196 -18.25 -8.61 -42.81
CA SER A 196 -17.24 -8.57 -43.85
C SER A 196 -17.87 -8.94 -45.19
N GLN B 1 14.51 -15.00 -2.18
CA GLN B 1 15.69 -15.20 -3.00
C GLN B 1 16.60 -13.98 -2.95
N VAL B 2 17.17 -13.72 -1.78
CA VAL B 2 18.06 -12.56 -1.60
C VAL B 2 19.44 -12.93 -2.11
N GLN B 3 19.94 -12.19 -3.10
CA GLN B 3 21.20 -12.52 -3.74
C GLN B 3 21.93 -11.26 -4.19
N LEU B 4 21.18 -10.18 -4.42
CA LEU B 4 21.81 -8.94 -4.81
C LEU B 4 22.49 -8.29 -3.62
N VAL B 5 23.62 -7.64 -3.86
CA VAL B 5 24.38 -6.94 -2.83
C VAL B 5 24.30 -5.44 -3.09
N GLN B 6 23.87 -4.70 -2.07
CA GLN B 6 23.69 -3.26 -2.17
C GLN B 6 24.77 -2.54 -1.37
N SER B 7 24.94 -1.25 -1.68
CA SER B 7 25.97 -0.45 -1.04
C SER B 7 25.64 -0.21 0.43
N GLU B 8 26.64 0.29 1.16
CA GLU B 8 26.56 0.49 2.60
C GLU B 8 25.56 1.59 2.95
N ALA B 9 25.19 1.64 4.22
CA ALA B 9 24.26 2.66 4.70
C ALA B 9 24.80 4.06 4.41
N GLU B 10 23.87 4.98 4.14
CA GLU B 10 24.18 6.35 3.79
C GLU B 10 23.54 7.30 4.80
N VAL B 11 24.29 8.34 5.16
CA VAL B 11 23.83 9.39 6.06
C VAL B 11 23.95 10.71 5.29
N LYS B 12 22.82 11.29 4.93
CA LYS B 12 22.81 12.51 4.15
C LYS B 12 22.04 13.58 4.89
N GLU B 13 22.16 14.80 4.40
CA GLU B 13 21.46 15.94 4.96
C GLU B 13 20.44 16.47 3.97
N PRO B 14 19.37 17.11 4.47
CA PRO B 14 18.32 17.61 3.58
C PRO B 14 18.89 18.40 2.41
N GLY B 15 18.39 18.08 1.21
CA GLY B 15 18.79 18.74 0.00
C GLY B 15 19.94 18.07 -0.75
N ALA B 16 20.68 17.20 -0.09
CA ALA B 16 21.71 16.45 -0.80
C ALA B 16 21.06 15.41 -1.72
N SER B 17 21.90 14.67 -2.42
CA SER B 17 21.46 13.56 -3.25
C SER B 17 22.14 12.28 -2.81
N VAL B 18 21.53 11.15 -3.16
CA VAL B 18 22.09 9.86 -2.78
C VAL B 18 22.04 8.92 -3.98
N GLU B 19 23.02 8.03 -4.04
CA GLU B 19 23.08 7.01 -5.08
C GLU B 19 23.35 5.68 -4.42
N VAL B 20 22.47 4.72 -4.65
CA VAL B 20 22.59 3.37 -4.11
C VAL B 20 22.98 2.44 -5.24
N SER B 21 23.99 1.63 -5.00
CA SER B 21 24.42 0.62 -5.95
C SER B 21 23.83 -0.74 -5.59
N CYS B 22 23.74 -1.61 -6.59
CA CYS B 22 23.16 -2.94 -6.44
C CYS B 22 23.90 -3.85 -7.42
N LYS B 23 24.83 -4.66 -6.91
CA LYS B 23 25.69 -5.46 -7.78
C LYS B 23 25.11 -6.85 -7.98
N ALA B 24 25.16 -7.34 -9.23
CA ALA B 24 24.42 -8.53 -9.63
C ALA B 24 24.88 -9.79 -8.93
N SER B 25 26.07 -9.77 -8.33
CA SER B 25 26.60 -10.83 -7.48
C SER B 25 26.90 -12.13 -8.22
N GLY B 26 26.91 -12.11 -9.56
CA GLY B 26 27.20 -13.31 -10.32
C GLY B 26 26.29 -13.48 -11.54
N TYR B 27 25.13 -12.84 -11.51
CA TYR B 27 24.25 -12.80 -12.66
C TYR B 27 24.76 -11.79 -13.67
N ASN B 28 24.06 -11.71 -14.80
CA ASN B 28 24.26 -10.66 -15.79
C ASN B 28 22.92 -9.96 -15.98
N PHE B 29 22.88 -8.67 -15.66
CA PHE B 29 21.62 -7.92 -15.70
C PHE B 29 21.06 -7.75 -17.11
N THR B 30 21.70 -8.28 -18.14
CA THR B 30 21.16 -8.17 -19.49
C THR B 30 19.81 -8.86 -19.62
N ASN B 31 19.56 -9.90 -18.82
CA ASN B 31 18.28 -10.60 -18.79
C ASN B 31 17.52 -10.35 -17.49
N PHE B 32 17.66 -9.16 -16.90
CA PHE B 32 17.07 -8.87 -15.61
C PHE B 32 16.29 -7.57 -15.66
N ALA B 33 15.07 -7.59 -15.14
CA ALA B 33 14.35 -6.38 -14.81
C ALA B 33 14.67 -6.01 -13.37
N ILE B 34 14.90 -4.71 -13.12
CA ILE B 34 15.31 -4.19 -11.82
C ILE B 34 14.23 -3.24 -11.32
N SER B 35 13.79 -3.42 -10.08
CA SER B 35 12.87 -2.52 -9.41
C SER B 35 13.51 -1.98 -8.14
N TRP B 36 13.04 -0.81 -7.72
CA TRP B 36 13.46 -0.24 -6.45
C TRP B 36 12.23 -0.02 -5.57
N VAL B 37 12.35 -0.42 -4.31
CA VAL B 37 11.25 -0.37 -3.35
C VAL B 37 11.80 0.15 -2.04
N ARG B 38 11.14 1.14 -1.45
CA ARG B 38 11.64 1.68 -0.19
C ARG B 38 10.62 1.45 0.92
N GLN B 39 11.11 1.48 2.15
CA GLN B 39 10.25 1.46 3.33
C GLN B 39 10.74 2.46 4.35
N ALA B 40 9.96 3.47 4.58
CA ALA B 40 10.19 4.48 5.59
C ALA B 40 9.72 3.96 6.96
N PRO B 41 10.36 4.42 8.04
CA PRO B 41 10.06 3.86 9.37
C PRO B 41 8.58 3.90 9.71
N GLY B 42 8.06 2.75 10.14
CA GLY B 42 6.65 2.68 10.48
C GLY B 42 5.69 2.80 9.32
N GLN B 43 6.12 2.54 8.10
CA GLN B 43 5.22 2.57 6.95
C GLN B 43 5.37 1.30 6.14
N GLY B 44 4.58 1.20 5.06
CA GLY B 44 4.58 0.01 4.23
C GLY B 44 5.59 0.07 3.09
N LEU B 45 5.61 -0.99 2.29
CA LEU B 45 6.44 -1.03 1.10
C LEU B 45 5.94 -0.02 0.08
N GLU B 46 6.89 0.54 -0.67
CA GLU B 46 6.59 1.62 -1.61
C GLU B 46 7.40 1.38 -2.87
N TRP B 47 6.73 1.15 -3.99
CA TRP B 47 7.42 0.93 -5.25
C TRP B 47 7.87 2.27 -5.83
N MET B 48 9.14 2.36 -6.19
CA MET B 48 9.71 3.61 -6.68
C MET B 48 9.84 3.67 -8.19
N GLY B 49 10.14 2.54 -8.81
CA GLY B 49 10.34 2.51 -10.24
C GLY B 49 11.06 1.26 -10.65
N TRP B 50 11.28 1.17 -11.95
CA TRP B 50 11.87 -0.01 -12.57
C TRP B 50 12.63 0.41 -13.81
N ILE B 51 13.69 -0.33 -14.10
CA ILE B 51 14.45 -0.20 -15.33
C ILE B 51 14.73 -1.60 -15.86
N SER B 52 14.71 -1.73 -17.19
CA SER B 52 15.04 -2.97 -17.87
C SER B 52 16.54 -3.01 -18.18
N GLY B 53 17.26 -3.95 -17.56
CA GLY B 53 18.65 -4.15 -17.94
C GLY B 53 18.84 -4.65 -19.36
N TYR B 54 17.77 -5.05 -20.04
CA TYR B 54 17.90 -5.55 -21.41
C TYR B 54 17.94 -4.41 -22.41
N ASN B 55 16.94 -3.53 -22.39
CA ASN B 55 16.84 -2.47 -23.38
C ASN B 55 16.71 -1.09 -22.76
N GLY B 56 16.73 -0.98 -21.44
CA GLY B 56 16.73 0.31 -20.79
C GLY B 56 15.37 0.94 -20.59
N ASP B 57 14.28 0.19 -20.78
CA ASP B 57 12.96 0.75 -20.54
C ASP B 57 12.79 1.08 -19.05
N THR B 58 12.41 2.33 -18.78
CA THR B 58 12.32 2.83 -17.42
C THR B 58 10.93 3.37 -17.16
N ASN B 59 10.49 3.23 -15.93
CA ASN B 59 9.28 3.88 -15.45
C ASN B 59 9.47 4.20 -13.98
N SER B 60 8.91 5.33 -13.57
CA SER B 60 9.03 5.77 -12.19
C SER B 60 7.63 5.99 -11.64
N ALA B 61 7.49 5.83 -10.33
CA ALA B 61 6.24 6.16 -9.66
C ALA B 61 5.98 7.66 -9.72
N GLN B 62 4.69 8.04 -9.79
CA GLN B 62 4.36 9.46 -9.91
C GLN B 62 4.89 10.27 -8.73
N LYS B 63 5.02 9.65 -7.56
CA LYS B 63 5.56 10.35 -6.40
C LYS B 63 7.00 10.80 -6.64
N PHE B 64 7.78 9.98 -7.34
CA PHE B 64 9.20 10.24 -7.57
C PHE B 64 9.49 10.72 -8.98
N LEU B 65 8.46 11.03 -9.76
CA LEU B 65 8.65 11.46 -11.14
C LEU B 65 9.49 12.74 -11.17
N GLY B 66 10.64 12.67 -11.83
CA GLY B 66 11.54 13.78 -11.90
C GLY B 66 12.58 13.83 -10.78
N ARG B 67 12.46 12.99 -9.76
CA ARG B 67 13.41 13.02 -8.66
C ARG B 67 14.36 11.83 -8.64
N VAL B 68 14.01 10.74 -9.30
CA VAL B 68 14.79 9.51 -9.24
C VAL B 68 15.39 9.29 -10.62
N THR B 69 16.58 8.71 -10.65
CA THR B 69 17.16 8.21 -11.89
C THR B 69 17.70 6.82 -11.66
N MET B 70 17.26 5.88 -12.48
CA MET B 70 17.75 4.51 -12.41
C MET B 70 18.60 4.21 -13.63
N THR B 71 19.76 3.60 -13.41
CA THR B 71 20.62 3.20 -14.50
C THR B 71 21.15 1.80 -14.23
N THR B 72 21.68 1.18 -15.28
CA THR B 72 22.35 -0.10 -15.16
C THR B 72 23.59 -0.09 -16.03
N ASP B 73 24.70 -0.55 -15.47
CA ASP B 73 25.89 -0.89 -16.25
C ASP B 73 26.01 -2.41 -16.25
N THR B 74 25.52 -3.04 -17.32
CA THR B 74 25.68 -4.48 -17.47
C THR B 74 27.12 -4.88 -17.75
N SER B 75 27.99 -3.91 -18.03
CA SER B 75 29.41 -4.17 -18.09
C SER B 75 29.90 -4.77 -16.78
N THR B 76 29.63 -4.08 -15.67
CA THR B 76 29.91 -4.58 -14.33
C THR B 76 28.71 -5.30 -13.72
N THR B 77 27.60 -5.33 -14.43
CA THR B 77 26.32 -5.81 -13.90
C THR B 77 26.03 -5.15 -12.55
N THR B 78 25.75 -3.86 -12.61
CA THR B 78 25.43 -3.07 -11.41
C THR B 78 24.27 -2.14 -11.73
N ALA B 79 23.24 -2.17 -10.90
CA ALA B 79 22.13 -1.24 -11.00
C ALA B 79 22.38 -0.08 -10.05
N TYR B 80 21.88 1.09 -10.42
CA TYR B 80 22.09 2.29 -9.65
C TYR B 80 20.77 3.02 -9.53
N MET B 81 20.54 3.58 -8.34
CA MET B 81 19.37 4.39 -8.10
C MET B 81 19.80 5.69 -7.44
N GLU B 82 19.58 6.81 -8.12
CA GLU B 82 19.86 8.13 -7.58
C GLU B 82 18.55 8.80 -7.17
N LEU B 83 18.52 9.34 -5.96
CA LEU B 83 17.40 10.11 -5.44
C LEU B 83 17.93 11.49 -5.05
N ARG B 84 17.36 12.52 -5.68
CA ARG B 84 17.89 13.88 -5.62
C ARG B 84 17.11 14.73 -4.63
N SER B 85 17.81 15.66 -4.00
CA SER B 85 17.21 16.64 -3.08
C SER B 85 16.39 15.94 -2.00
N LEU B 86 17.12 15.18 -1.21
CA LEU B 86 16.54 14.39 -0.12
C LEU B 86 15.81 15.28 0.87
N ARG B 87 14.64 14.84 1.28
CA ARG B 87 13.90 15.40 2.41
C ARG B 87 14.00 14.44 3.59
N SER B 88 13.56 14.91 4.76
CA SER B 88 13.65 14.06 5.94
C SER B 88 12.74 12.84 5.81
N ASP B 89 11.64 12.94 5.08
CA ASP B 89 10.77 11.79 4.86
C ASP B 89 11.26 10.87 3.74
N ASP B 90 12.47 11.11 3.23
CA ASP B 90 13.15 10.15 2.38
C ASP B 90 13.97 9.16 3.19
N THR B 91 14.03 9.33 4.51
CA THR B 91 14.71 8.39 5.38
C THR B 91 14.03 7.03 5.32
N ALA B 92 14.71 6.03 4.77
CA ALA B 92 14.07 4.74 4.58
C ALA B 92 15.14 3.68 4.34
N VAL B 93 14.72 2.43 4.34
CA VAL B 93 15.53 1.37 3.76
C VAL B 93 15.13 1.19 2.30
N TYR B 94 16.11 1.21 1.40
CA TYR B 94 15.92 1.10 -0.04
C TYR B 94 16.40 -0.27 -0.52
N TYR B 95 15.52 -1.03 -1.17
CA TYR B 95 15.84 -2.34 -1.73
C TYR B 95 15.85 -2.29 -3.24
N CYS B 96 16.85 -2.93 -3.84
CA CYS B 96 16.77 -3.31 -5.24
C CYS B 96 16.28 -4.76 -5.32
N ALA B 97 15.45 -5.02 -6.32
CA ALA B 97 14.95 -6.37 -6.53
C ALA B 97 14.94 -6.64 -8.02
N GLY B 98 15.07 -7.90 -8.39
CA GLY B 98 15.23 -8.25 -9.77
C GLY B 98 14.39 -9.45 -10.15
N SER B 99 14.29 -9.64 -11.46
CA SER B 99 13.70 -10.86 -11.98
C SER B 99 14.23 -11.13 -13.37
N ASP B 100 14.37 -12.42 -13.69
CA ASP B 100 14.78 -12.88 -15.01
C ASP B 100 13.67 -12.59 -16.02
N ASN B 101 13.77 -11.45 -16.72
CA ASN B 101 12.70 -10.94 -17.55
C ASN B 101 13.26 -9.86 -18.48
N TYR B 102 13.00 -10.01 -19.77
CA TYR B 102 13.45 -9.01 -20.74
C TYR B 102 12.48 -7.84 -20.86
N GLY B 103 11.30 -7.94 -20.28
CA GLY B 103 10.33 -6.87 -20.26
C GLY B 103 9.91 -6.53 -18.85
N PHE B 104 8.67 -6.08 -18.67
CA PHE B 104 8.20 -5.73 -17.33
C PHE B 104 7.99 -6.99 -16.50
N PRO B 105 8.40 -6.97 -15.23
CA PRO B 105 8.14 -8.10 -14.30
C PRO B 105 6.71 -8.08 -13.75
N TYR B 106 5.77 -8.53 -14.60
CA TYR B 106 4.36 -8.43 -14.28
C TYR B 106 4.02 -9.08 -12.94
N ASN B 107 4.68 -10.19 -12.61
CA ASN B 107 4.42 -10.87 -11.34
C ASN B 107 5.16 -10.26 -10.16
N GLY B 108 5.99 -9.25 -10.40
CA GLY B 108 6.78 -8.67 -9.35
C GLY B 108 8.20 -9.18 -9.40
N MET B 109 8.85 -9.17 -8.24
CA MET B 109 10.29 -9.34 -8.16
C MET B 109 10.65 -10.59 -7.36
N ASP B 110 11.50 -11.42 -7.97
CA ASP B 110 11.95 -12.71 -7.44
C ASP B 110 13.21 -12.59 -6.59
N VAL B 111 14.23 -11.91 -7.11
CA VAL B 111 15.52 -11.76 -6.45
C VAL B 111 15.55 -10.41 -5.74
N TRP B 112 16.11 -10.39 -4.54
CA TRP B 112 16.13 -9.19 -3.70
C TRP B 112 17.53 -8.90 -3.20
N GLY B 113 17.78 -7.60 -2.94
CA GLY B 113 18.95 -7.19 -2.21
C GLY B 113 18.69 -7.14 -0.71
N GLN B 114 19.76 -6.92 0.05
CA GLN B 114 19.66 -6.85 1.50
C GLN B 114 19.08 -5.52 2.00
N GLY B 115 18.99 -4.52 1.16
CA GLY B 115 18.55 -3.21 1.59
C GLY B 115 19.71 -2.29 1.93
N THR B 116 19.47 -0.99 1.81
CA THR B 116 20.44 0.06 2.12
C THR B 116 19.72 1.15 2.89
N THR B 117 20.11 1.35 4.14
CA THR B 117 19.48 2.39 4.94
C THR B 117 20.03 3.74 4.55
N VAL B 118 19.13 4.67 4.28
CA VAL B 118 19.47 6.04 3.94
C VAL B 118 18.78 6.92 4.96
N THR B 119 19.57 7.61 5.77
CA THR B 119 19.02 8.49 6.79
C THR B 119 19.31 9.92 6.39
N VAL B 120 18.26 10.73 6.27
CA VAL B 120 18.39 12.17 6.10
C VAL B 120 18.29 12.77 7.51
N PHE B 121 19.43 13.17 8.05
CA PHE B 121 19.45 13.60 9.44
C PHE B 121 19.09 15.08 9.57
N ASN B 122 18.55 15.43 10.73
CA ASN B 122 18.16 16.78 11.06
C ASN B 122 19.23 17.43 11.94
N GLN B 123 19.11 18.75 12.08
CA GLN B 123 19.86 19.47 13.07
C GLN B 123 19.31 19.16 14.46
N ILE B 124 20.20 19.14 15.46
CA ILE B 124 19.76 18.97 16.85
C ILE B 124 18.78 20.07 17.21
N LYS B 125 17.63 19.68 17.75
CA LYS B 125 16.61 20.63 18.11
C LYS B 125 16.12 20.34 19.53
N PRO B 126 16.10 21.34 20.42
CA PRO B 126 15.52 21.11 21.74
C PRO B 126 14.02 20.94 21.64
N PRO B 127 13.40 20.21 22.56
CA PRO B 127 11.95 20.01 22.51
C PRO B 127 11.17 21.21 23.03
N SER B 128 9.90 21.24 22.68
CA SER B 128 8.95 22.12 23.33
C SER B 128 8.07 21.27 24.24
N VAL B 129 7.94 21.67 25.50
CA VAL B 129 7.18 20.91 26.48
C VAL B 129 5.89 21.64 26.79
N PHE B 130 4.77 20.97 26.54
CA PHE B 130 3.47 21.57 26.81
C PHE B 130 2.67 20.72 27.78
N PRO B 131 1.86 21.33 28.63
CA PRO B 131 0.99 20.55 29.51
C PRO B 131 -0.22 20.02 28.77
N LEU B 132 -0.59 18.78 29.08
CA LEU B 132 -1.90 18.24 28.76
C LEU B 132 -2.69 18.21 30.06
N ALA B 133 -3.47 19.27 30.28
CA ALA B 133 -4.19 19.44 31.53
C ALA B 133 -5.28 18.37 31.71
N PRO B 134 -5.53 17.95 32.94
CA PRO B 134 -6.63 17.03 33.19
C PRO B 134 -7.96 17.68 32.86
N SER B 135 -8.96 16.83 32.73
CA SER B 135 -10.29 17.27 32.33
C SER B 135 -10.83 18.34 33.29
N SER B 136 -11.51 19.33 32.72
CA SER B 136 -12.19 20.30 33.57
C SER B 136 -13.39 19.71 34.30
N LYS B 137 -13.78 18.47 33.98
CA LYS B 137 -14.91 17.80 34.61
C LYS B 137 -14.47 16.74 35.61
N SER B 138 -13.27 16.86 36.17
CA SER B 138 -12.80 15.87 37.15
C SER B 138 -13.43 16.13 38.51
N THR B 139 -14.07 15.11 39.09
CA THR B 139 -14.65 15.22 40.41
C THR B 139 -14.02 14.21 41.35
N SER B 140 -14.22 14.43 42.66
CA SER B 140 -13.45 13.77 43.71
C SER B 140 -13.32 12.26 43.51
N GLY B 141 -14.45 11.56 43.32
CA GLY B 141 -14.40 10.12 43.29
C GLY B 141 -13.65 9.51 42.12
N GLY B 142 -13.44 10.28 41.04
CA GLY B 142 -12.92 9.71 39.80
C GLY B 142 -11.40 9.77 39.72
N THR B 143 -10.89 9.23 38.61
CA THR B 143 -9.48 9.35 38.25
C THR B 143 -9.34 10.32 37.09
N ALA B 144 -8.16 10.92 37.00
CA ALA B 144 -7.88 11.93 36.00
C ALA B 144 -6.53 11.64 35.35
N ALA B 145 -6.46 11.79 34.04
CA ALA B 145 -5.21 11.62 33.31
C ALA B 145 -4.66 13.01 32.99
N LEU B 146 -3.39 13.21 33.27
CA LEU B 146 -2.73 14.46 32.88
C LEU B 146 -1.35 14.13 32.34
N GLY B 147 -0.84 14.99 31.48
CA GLY B 147 0.44 14.64 30.88
C GLY B 147 1.28 15.78 30.38
N CYS B 148 2.34 15.39 29.69
CA CYS B 148 3.29 16.29 29.06
C CYS B 148 3.45 15.88 27.61
N LEU B 149 3.32 16.85 26.72
CA LEU B 149 3.66 16.68 25.32
C LEU B 149 5.06 17.23 25.09
N VAL B 150 5.96 16.40 24.59
CA VAL B 150 7.34 16.77 24.26
C VAL B 150 7.46 16.77 22.75
N LYS B 151 7.36 17.95 22.13
CA LYS B 151 7.15 18.10 20.71
C LYS B 151 8.41 18.63 20.00
N ASP B 152 8.72 18.02 18.84
CA ASP B 152 9.66 18.57 17.86
C ASP B 152 11.08 18.72 18.43
N TYR B 153 11.66 17.58 18.80
CA TYR B 153 13.06 17.53 19.20
C TYR B 153 13.82 16.56 18.32
N PHE B 154 15.14 16.62 18.42
CA PHE B 154 16.05 15.76 17.66
C PHE B 154 17.44 15.78 18.24
N PRO B 155 18.11 14.64 18.41
CA PRO B 155 17.58 13.29 18.13
C PRO B 155 17.06 12.64 19.39
N GLU B 156 16.80 11.34 19.34
CA GLU B 156 16.59 10.56 20.56
C GLU B 156 17.89 10.51 21.36
N PRO B 157 17.81 10.30 22.68
CA PRO B 157 16.61 10.11 23.48
C PRO B 157 16.17 11.33 24.27
N VAL B 158 15.03 11.14 24.96
CA VAL B 158 14.45 12.09 25.89
C VAL B 158 14.00 11.27 27.09
N THR B 159 14.27 11.76 28.29
CA THR B 159 13.76 11.11 29.49
C THR B 159 12.74 12.00 30.16
N VAL B 160 11.66 11.39 30.64
CA VAL B 160 10.59 12.07 31.34
C VAL B 160 10.42 11.39 32.69
N SER B 161 10.45 12.18 33.76
CA SER B 161 10.05 11.74 35.08
C SER B 161 8.91 12.62 35.57
N TRP B 162 8.33 12.24 36.71
CA TRP B 162 7.25 13.01 37.31
C TRP B 162 7.59 13.29 38.77
N ASN B 163 7.46 14.55 39.18
CA ASN B 163 7.84 14.99 40.54
C ASN B 163 9.22 14.45 40.93
N SER B 164 10.17 14.63 40.01
CA SER B 164 11.56 14.22 40.22
C SER B 164 11.68 12.75 40.58
N GLY B 165 10.83 11.92 39.99
CA GLY B 165 10.86 10.50 40.27
C GLY B 165 10.05 10.06 41.47
N ALA B 166 9.57 10.99 42.32
CA ALA B 166 8.75 10.56 43.46
C ALA B 166 7.49 9.84 43.00
N LEU B 167 6.95 10.21 41.85
CA LEU B 167 5.73 9.63 41.33
C LEU B 167 6.09 8.64 40.24
N THR B 168 5.79 7.35 40.46
CA THR B 168 6.09 6.31 39.49
C THR B 168 4.85 5.50 39.14
N SER B 169 3.95 5.30 40.10
CA SER B 169 2.77 4.51 39.85
C SER B 169 1.80 5.29 38.95
N GLY B 170 1.21 4.58 37.99
CA GLY B 170 0.28 5.19 37.06
C GLY B 170 0.89 6.00 35.94
N VAL B 171 2.22 6.00 35.81
CA VAL B 171 2.88 6.74 34.75
C VAL B 171 2.97 5.87 33.50
N HIS B 172 2.72 6.46 32.34
CA HIS B 172 2.87 5.79 31.04
C HIS B 172 3.52 6.78 30.08
N THR B 173 4.76 6.51 29.69
CA THR B 173 5.43 7.33 28.69
C THR B 173 5.34 6.59 27.37
N PHE B 174 4.72 7.23 26.39
CA PHE B 174 4.55 6.65 25.06
C PHE B 174 5.81 6.84 24.24
N PRO B 175 6.24 5.82 23.49
CA PRO B 175 7.39 5.99 22.61
C PRO B 175 7.13 7.07 21.57
N ALA B 176 8.20 7.76 21.19
CA ALA B 176 8.06 8.92 20.34
C ALA B 176 7.64 8.52 18.93
N VAL B 177 7.08 9.49 18.22
CA VAL B 177 6.75 9.33 16.81
C VAL B 177 7.81 10.06 16.01
N LEU B 178 8.32 9.41 14.97
CA LEU B 178 9.23 10.04 14.02
C LEU B 178 8.37 10.73 12.97
N GLN B 179 8.24 12.04 13.07
CA GLN B 179 7.35 12.76 12.18
C GLN B 179 7.99 12.92 10.81
N SER B 180 7.15 13.22 9.82
CA SER B 180 7.66 13.38 8.46
C SER B 180 8.68 14.52 8.37
N SER B 181 8.67 15.46 9.32
CA SER B 181 9.67 16.52 9.34
C SER B 181 11.04 16.02 9.77
N GLY B 182 11.13 14.78 10.24
CA GLY B 182 12.36 14.25 10.79
C GLY B 182 12.52 14.47 12.27
N LEU B 183 11.63 15.24 12.89
CA LEU B 183 11.69 15.48 14.32
C LEU B 183 10.84 14.45 15.06
N TYR B 184 11.14 14.28 16.35
CA TYR B 184 10.39 13.39 17.21
C TYR B 184 9.44 14.18 18.10
N SER B 185 8.35 13.53 18.49
CA SER B 185 7.50 14.00 19.57
C SER B 185 7.01 12.81 20.36
N LEU B 186 6.86 12.98 21.67
CA LEU B 186 6.31 11.93 22.51
C LEU B 186 5.41 12.54 23.57
N SER B 187 4.70 11.65 24.27
CA SER B 187 3.78 12.04 25.33
C SER B 187 4.03 11.20 26.57
N SER B 188 3.83 11.80 27.74
CA SER B 188 3.91 11.04 28.98
C SER B 188 2.70 11.41 29.82
N VAL B 189 1.89 10.43 30.19
CA VAL B 189 0.66 10.65 30.93
C VAL B 189 0.73 9.89 32.25
N VAL B 190 0.29 10.53 33.31
CA VAL B 190 0.09 9.84 34.57
C VAL B 190 -1.38 9.96 34.95
N THR B 191 -1.91 8.87 35.51
CA THR B 191 -3.27 8.80 36.03
C THR B 191 -3.26 8.97 37.54
N VAL B 192 -4.02 9.94 38.02
CA VAL B 192 -4.00 10.31 39.43
C VAL B 192 -5.43 10.30 39.94
N PRO B 193 -5.61 10.32 41.27
CA PRO B 193 -6.95 10.58 41.82
C PRO B 193 -7.34 12.02 41.61
N SER B 194 -8.57 12.23 41.14
CA SER B 194 -9.03 13.60 40.88
C SER B 194 -9.12 14.41 42.16
N SER B 195 -9.37 13.75 43.30
CA SER B 195 -9.46 14.47 44.55
C SER B 195 -8.17 15.23 44.87
N SER B 196 -7.04 14.74 44.36
CA SER B 196 -5.76 15.39 44.60
C SER B 196 -5.49 16.55 43.66
N LEU B 197 -6.38 16.82 42.70
CA LEU B 197 -6.09 17.87 41.74
C LEU B 197 -5.98 19.26 42.39
N GLY B 198 -6.59 19.47 43.55
CA GLY B 198 -6.59 20.81 44.11
C GLY B 198 -5.57 20.97 45.22
N THR B 199 -4.99 19.85 45.65
CA THR B 199 -4.03 19.85 46.74
C THR B 199 -2.64 19.37 46.34
N GLN B 200 -2.51 18.60 45.27
CA GLN B 200 -1.24 17.98 44.91
C GLN B 200 -0.67 18.63 43.65
N THR B 201 0.62 18.93 43.68
CA THR B 201 1.32 19.49 42.52
C THR B 201 1.88 18.35 41.66
N TYR B 202 1.70 18.48 40.35
CA TYR B 202 2.20 17.50 39.40
C TYR B 202 3.15 18.19 38.43
N ILE B 203 4.37 17.70 38.36
CA ILE B 203 5.42 18.30 37.54
C ILE B 203 6.11 17.22 36.75
N CYS B 204 6.15 17.37 35.43
CA CYS B 204 6.97 16.47 34.63
C CYS B 204 8.33 17.11 34.36
N ASN B 205 9.36 16.27 34.35
CA ASN B 205 10.75 16.65 34.23
C ASN B 205 11.28 16.00 32.94
N VAL B 206 11.60 16.83 31.95
CA VAL B 206 12.03 16.39 30.63
C VAL B 206 13.51 16.71 30.48
N ASN B 207 14.29 15.71 30.11
CA ASN B 207 15.72 15.87 29.88
C ASN B 207 16.02 15.47 28.45
N HIS B 208 16.74 16.35 27.73
CA HIS B 208 17.18 16.11 26.36
C HIS B 208 18.65 16.49 26.32
N LYS B 209 19.49 15.50 26.63
CA LYS B 209 20.93 15.75 26.68
C LYS B 209 21.51 16.23 25.35
N PRO B 210 21.15 15.68 24.17
CA PRO B 210 21.77 16.15 22.93
C PRO B 210 21.70 17.65 22.72
N SER B 211 20.62 18.30 23.16
CA SER B 211 20.53 19.75 23.07
C SER B 211 20.78 20.42 24.41
N ASN B 212 21.26 19.66 25.40
CA ASN B 212 21.58 20.17 26.72
C ASN B 212 20.43 20.97 27.30
N THR B 213 19.24 20.37 27.26
CA THR B 213 18.02 21.04 27.68
C THR B 213 17.33 20.24 28.78
N LYS B 214 16.80 20.95 29.78
CA LYS B 214 15.97 20.33 30.80
C LYS B 214 14.78 21.25 31.05
N VAL B 215 13.57 20.69 31.07
CA VAL B 215 12.35 21.44 31.31
C VAL B 215 11.58 20.80 32.46
N ASP B 216 11.11 21.62 33.39
CA ASP B 216 10.21 21.19 34.45
C ASP B 216 8.89 21.89 34.21
N LYS B 217 7.85 21.11 33.89
CA LYS B 217 6.57 21.64 33.49
C LYS B 217 5.53 21.23 34.54
N LYS B 218 5.00 22.22 35.25
CA LYS B 218 3.88 21.97 36.14
C LYS B 218 2.61 21.91 35.31
N VAL B 219 1.78 20.92 35.59
CA VAL B 219 0.52 20.71 34.87
C VAL B 219 -0.60 21.02 35.84
N GLU B 220 -1.29 22.13 35.61
CA GLU B 220 -2.33 22.65 36.47
C GLU B 220 -3.70 22.30 35.91
N PRO B 221 -4.74 22.30 36.75
CA PRO B 221 -6.08 21.96 36.26
C PRO B 221 -6.65 23.02 35.33
N LYS B 222 -7.53 22.57 34.43
CA LYS B 222 -8.14 23.46 33.45
C LYS B 222 -9.16 24.37 34.13
N ALA C 3 -2.73 2.94 -4.34
CA ALA C 3 -2.63 2.00 -3.22
C ALA C 3 -3.87 1.09 -3.13
N LEU C 4 -3.65 -0.13 -2.68
CA LEU C 4 -4.72 -1.07 -2.34
C LEU C 4 -5.01 -1.01 -0.85
N THR C 5 -6.16 -1.52 -0.47
CA THR C 5 -6.63 -1.43 0.91
C THR C 5 -6.57 -2.79 1.56
N GLN C 6 -5.97 -2.84 2.74
CA GLN C 6 -5.76 -4.01 3.56
C GLN C 6 -6.17 -3.69 4.99
N PRO C 7 -6.65 -4.67 5.74
CA PRO C 7 -6.86 -4.45 7.16
C PRO C 7 -5.52 -4.29 7.85
N PRO C 8 -5.46 -3.52 8.94
CA PRO C 8 -4.19 -3.43 9.68
C PRO C 8 -3.79 -4.73 10.35
N SER C 9 -4.75 -5.48 10.88
CA SER C 9 -4.45 -6.63 11.70
C SER C 9 -5.32 -7.82 11.31
N ALA C 10 -4.68 -8.96 11.16
CA ALA C 10 -5.36 -10.24 10.97
C ALA C 10 -4.69 -11.21 11.94
N SER C 11 -5.47 -12.08 12.56
CA SER C 11 -4.92 -12.86 13.66
C SER C 11 -5.69 -14.15 13.84
N GLY C 12 -5.04 -15.07 14.54
CA GLY C 12 -5.63 -16.36 14.87
C GLY C 12 -4.72 -17.09 15.83
N SER C 13 -5.26 -18.13 16.42
CA SER C 13 -4.49 -19.01 17.28
C SER C 13 -3.76 -20.05 16.44
N PRO C 14 -2.70 -20.65 16.98
CA PRO C 14 -2.00 -21.71 16.26
C PRO C 14 -2.95 -22.81 15.81
N GLY C 15 -2.98 -23.08 14.50
CA GLY C 15 -3.83 -24.09 13.90
C GLY C 15 -5.00 -23.54 13.11
N GLN C 16 -5.50 -22.36 13.48
CA GLN C 16 -6.64 -21.78 12.79
C GLN C 16 -6.25 -21.32 11.40
N SER C 17 -7.27 -20.94 10.63
CA SER C 17 -7.09 -20.34 9.31
C SER C 17 -7.38 -18.85 9.37
N VAL C 18 -6.52 -18.07 8.72
CA VAL C 18 -6.65 -16.62 8.69
C VAL C 18 -6.72 -16.18 7.23
N THR C 19 -7.58 -15.21 6.94
CA THR C 19 -7.68 -14.67 5.59
C THR C 19 -7.50 -13.16 5.64
N ILE C 20 -6.58 -12.66 4.83
CA ILE C 20 -6.31 -11.24 4.69
C ILE C 20 -6.90 -10.80 3.36
N SER C 21 -7.77 -9.81 3.41
CA SER C 21 -8.37 -9.32 2.19
C SER C 21 -7.62 -8.09 1.69
N CYS C 22 -7.81 -7.80 0.41
CA CYS C 22 -7.10 -6.71 -0.24
C CYS C 22 -8.00 -6.17 -1.33
N THR C 23 -8.40 -4.91 -1.20
CA THR C 23 -9.34 -4.30 -2.12
C THR C 23 -8.61 -3.34 -3.08
N GLY C 24 -8.87 -3.52 -4.37
CA GLY C 24 -8.29 -2.70 -5.40
C GLY C 24 -9.40 -2.10 -6.24
N THR C 25 -9.11 -1.80 -7.51
CA THR C 25 -10.08 -1.27 -8.46
C THR C 25 -10.14 -2.15 -9.70
N SER C 26 -11.04 -1.80 -10.62
CA SER C 26 -11.18 -2.53 -11.87
C SER C 26 -10.02 -2.28 -12.84
N SER C 27 -9.11 -1.36 -12.54
CA SER C 27 -7.94 -1.12 -13.38
C SER C 27 -6.70 -1.83 -12.89
N ASP C 28 -6.77 -2.53 -11.76
CA ASP C 28 -5.64 -3.31 -11.28
C ASP C 28 -6.08 -4.71 -10.88
N LEU C 29 -6.67 -4.86 -9.68
CA LEU C 29 -7.10 -6.17 -9.21
C LEU C 29 -8.17 -6.76 -10.13
N GLY C 30 -9.12 -5.94 -10.56
CA GLY C 30 -10.18 -6.45 -11.40
C GLY C 30 -9.76 -6.75 -12.83
N ALA C 31 -8.65 -6.17 -13.27
CA ALA C 31 -8.26 -6.25 -14.67
C ALA C 31 -7.21 -7.31 -14.95
N TYR C 32 -6.48 -7.78 -13.94
CA TYR C 32 -5.35 -8.65 -14.19
C TYR C 32 -5.32 -9.75 -13.15
N HIS C 33 -4.63 -10.83 -13.51
CA HIS C 33 -4.28 -11.89 -12.58
C HIS C 33 -2.82 -11.76 -12.13
N PHE C 34 -2.35 -10.52 -11.94
CA PHE C 34 -1.00 -10.27 -11.44
C PHE C 34 -1.04 -9.75 -10.02
N VAL C 35 -1.64 -10.55 -9.12
CA VAL C 35 -1.70 -10.24 -7.70
C VAL C 35 -0.61 -11.06 -7.01
N THR C 36 0.32 -10.37 -6.36
CA THR C 36 1.41 -11.01 -5.65
C THR C 36 1.34 -10.62 -4.18
N TRP C 37 1.56 -11.60 -3.31
CA TRP C 37 1.58 -11.36 -1.87
C TRP C 37 3.02 -11.50 -1.38
N TYR C 38 3.50 -10.48 -0.68
CA TYR C 38 4.84 -10.44 -0.14
C TYR C 38 4.80 -10.62 1.37
N GLN C 39 5.57 -11.58 1.88
CA GLN C 39 5.79 -11.70 3.32
C GLN C 39 7.00 -10.85 3.70
N HIS C 40 6.88 -10.12 4.80
CA HIS C 40 7.90 -9.15 5.18
C HIS C 40 8.10 -9.13 6.69
N TYR C 41 9.35 -9.11 7.09
CA TYR C 41 9.72 -8.87 8.47
C TYR C 41 10.68 -7.70 8.43
N PRO C 42 10.35 -6.56 9.02
CA PRO C 42 11.25 -5.41 8.98
C PRO C 42 12.68 -5.82 9.33
N GLY C 43 13.62 -5.43 8.47
CA GLY C 43 14.99 -5.88 8.57
C GLY C 43 15.41 -6.75 7.42
N LYS C 44 14.60 -7.77 7.13
CA LYS C 44 14.89 -8.70 6.05
C LYS C 44 14.21 -8.25 4.77
N ALA C 45 14.49 -8.96 3.70
CA ALA C 45 13.88 -8.56 2.44
C ALA C 45 12.51 -9.20 2.27
N PRO C 46 11.63 -8.58 1.49
CA PRO C 46 10.34 -9.21 1.19
C PRO C 46 10.54 -10.57 0.55
N LYS C 47 9.54 -11.43 0.73
CA LYS C 47 9.54 -12.79 0.18
C LYS C 47 8.21 -13.04 -0.50
N VAL C 48 8.27 -13.55 -1.73
CA VAL C 48 7.04 -13.87 -2.47
C VAL C 48 6.41 -15.11 -1.88
N MET C 49 5.14 -15.02 -1.53
CA MET C 49 4.40 -16.19 -1.05
C MET C 49 3.41 -16.71 -2.07
N ILE C 50 2.73 -15.80 -2.75
CA ILE C 50 1.73 -16.13 -3.76
C ILE C 50 1.94 -15.16 -4.91
N TYR C 51 1.96 -15.67 -6.13
CA TYR C 51 2.02 -14.84 -7.32
C TYR C 51 0.97 -15.35 -8.29
N GLY C 52 0.75 -14.59 -9.35
CA GLY C 52 -0.40 -14.82 -10.19
C GLY C 52 -1.59 -14.33 -9.41
N VAL C 53 -2.34 -15.25 -8.81
CA VAL C 53 -3.37 -14.88 -7.86
C VAL C 53 -3.39 -15.97 -6.81
N ARG C 54 -3.09 -17.20 -7.26
CA ARG C 54 -3.24 -18.39 -6.45
C ARG C 54 -2.03 -19.32 -6.51
N LYS C 55 -0.97 -18.96 -7.22
CA LYS C 55 0.15 -19.88 -7.40
C LYS C 55 1.21 -19.70 -6.31
N ARG C 56 1.81 -20.82 -5.93
CA ARG C 56 2.81 -20.91 -4.87
C ARG C 56 4.17 -21.16 -5.47
N PRO C 57 5.15 -20.29 -5.24
CA PRO C 57 6.53 -20.64 -5.61
C PRO C 57 6.98 -21.84 -4.82
N SER C 58 7.93 -22.58 -5.38
CA SER C 58 8.35 -23.81 -4.75
C SER C 58 9.01 -23.50 -3.42
N GLY C 59 8.76 -24.35 -2.43
CA GLY C 59 9.25 -24.09 -1.09
C GLY C 59 8.30 -23.35 -0.18
N VAL C 60 7.26 -22.74 -0.73
CA VAL C 60 6.25 -22.09 0.10
C VAL C 60 5.26 -23.14 0.58
N PRO C 61 4.94 -23.20 1.88
CA PRO C 61 4.07 -24.26 2.39
C PRO C 61 2.69 -24.20 1.75
N ASP C 62 2.12 -25.38 1.48
CA ASP C 62 0.84 -25.45 0.82
C ASP C 62 -0.30 -24.87 1.66
N ARG C 63 -0.05 -24.55 2.93
CA ARG C 63 -1.07 -23.92 3.76
C ARG C 63 -1.32 -22.47 3.37
N PHE C 64 -0.53 -21.93 2.45
CA PHE C 64 -0.77 -20.61 1.89
C PHE C 64 -1.56 -20.76 0.60
N SER C 65 -2.68 -20.04 0.49
CA SER C 65 -3.49 -20.08 -0.71
C SER C 65 -3.98 -18.66 -0.98
N GLY C 66 -4.29 -18.40 -2.25
CA GLY C 66 -4.76 -17.08 -2.64
C GLY C 66 -5.81 -17.17 -3.71
N SER C 67 -6.65 -16.14 -3.77
CA SER C 67 -7.69 -16.07 -4.79
C SER C 67 -8.15 -14.63 -4.93
N LYS C 68 -9.07 -14.40 -5.86
CA LYS C 68 -9.64 -13.07 -6.06
C LYS C 68 -11.06 -13.19 -6.58
N SER C 69 -11.83 -12.13 -6.36
CA SER C 69 -13.20 -12.02 -6.84
C SER C 69 -13.48 -10.54 -7.08
N GLY C 70 -13.83 -10.20 -8.32
CA GLY C 70 -14.01 -8.80 -8.66
C GLY C 70 -12.75 -8.02 -8.37
N ASN C 71 -12.88 -6.95 -7.59
CA ASN C 71 -11.74 -6.10 -7.22
C ASN C 71 -11.18 -6.44 -5.85
N THR C 72 -11.45 -7.64 -5.33
CA THR C 72 -10.95 -8.03 -4.01
C THR C 72 -10.17 -9.33 -4.10
N ALA C 73 -8.89 -9.27 -3.80
CA ALA C 73 -8.06 -10.45 -3.66
C ALA C 73 -7.95 -10.83 -2.19
N SER C 74 -7.44 -12.03 -1.95
CA SER C 74 -7.37 -12.52 -0.59
C SER C 74 -6.29 -13.57 -0.50
N LEU C 75 -5.69 -13.66 0.69
CA LEU C 75 -4.67 -14.63 1.01
C LEU C 75 -5.11 -15.36 2.28
N THR C 76 -5.16 -16.69 2.22
CA THR C 76 -5.53 -17.51 3.36
C THR C 76 -4.36 -18.38 3.79
N VAL C 77 -4.03 -18.33 5.08
CA VAL C 77 -3.06 -19.23 5.69
C VAL C 77 -3.82 -20.24 6.55
N SER C 78 -3.69 -21.51 6.20
CA SER C 78 -4.25 -22.62 6.97
C SER C 78 -3.23 -23.11 7.99
N GLY C 79 -3.74 -23.73 9.06
CA GLY C 79 -2.91 -24.22 10.15
C GLY C 79 -1.83 -23.25 10.59
N LEU C 80 -2.25 -22.14 11.19
CA LEU C 80 -1.34 -21.05 11.54
C LEU C 80 -0.19 -21.53 12.41
N GLN C 81 1.03 -21.15 12.04
CA GLN C 81 2.21 -21.46 12.83
C GLN C 81 2.95 -20.18 13.19
N ASP C 82 3.71 -20.23 14.28
CA ASP C 82 4.40 -19.03 14.76
C ASP C 82 5.30 -18.41 13.70
N GLU C 83 5.86 -19.24 12.81
CA GLU C 83 6.72 -18.72 11.75
C GLU C 83 5.97 -17.83 10.76
N ASP C 84 4.64 -17.85 10.78
CA ASP C 84 3.83 -17.07 9.84
C ASP C 84 3.57 -15.66 10.31
N GLU C 85 3.80 -15.36 11.59
CA GLU C 85 3.59 -14.01 12.07
C GLU C 85 4.51 -13.06 11.33
N ALA C 86 3.91 -12.07 10.64
CA ALA C 86 4.72 -11.14 9.86
C ALA C 86 3.84 -10.07 9.25
N ASP C 87 4.42 -9.15 8.51
CA ASP C 87 3.63 -8.26 7.68
C ASP C 87 3.42 -8.90 6.32
N TYR C 88 2.26 -8.65 5.72
CA TYR C 88 1.91 -9.18 4.42
C TYR C 88 1.38 -8.05 3.57
N TYR C 89 1.95 -7.90 2.37
CA TYR C 89 1.59 -6.82 1.46
C TYR C 89 0.99 -7.43 0.20
N CYS C 90 -0.20 -7.02 -0.17
CA CYS C 90 -0.69 -7.35 -1.49
C CYS C 90 -0.16 -6.32 -2.47
N SER C 91 0.06 -6.77 -3.71
CA SER C 91 0.51 -5.88 -4.77
C SER C 91 -0.09 -6.35 -6.08
N SER C 92 -0.26 -5.40 -7.00
CA SER C 92 -0.79 -5.74 -8.31
C SER C 92 -0.11 -4.91 -9.39
N TYR C 93 0.02 -5.52 -10.55
CA TYR C 93 0.26 -4.74 -11.77
C TYR C 93 -0.83 -3.69 -11.89
N ALA C 94 -0.43 -2.45 -12.20
CA ALA C 94 -1.42 -1.38 -12.25
C ALA C 94 -1.83 -0.99 -13.66
N GLY C 95 -1.22 -1.58 -14.69
CA GLY C 95 -1.67 -1.40 -16.07
C GLY C 95 -0.77 -0.56 -16.95
N ASN C 96 0.18 0.18 -16.38
CA ASN C 96 1.06 1.05 -17.17
C ASN C 96 2.51 0.84 -16.75
N ASN C 97 2.96 -0.41 -16.79
CA ASN C 97 4.31 -0.78 -16.38
C ASN C 97 4.62 -0.23 -14.99
N ASP C 98 3.77 -0.59 -14.02
CA ASP C 98 3.90 -0.08 -12.66
C ASP C 98 3.25 -1.08 -11.71
N PHE C 99 3.35 -0.79 -10.41
CA PHE C 99 2.70 -1.59 -9.38
C PHE C 99 1.89 -0.68 -8.47
N VAL C 100 0.94 -1.30 -7.77
CA VAL C 100 0.26 -0.68 -6.65
C VAL C 100 0.34 -1.63 -5.46
N PHE C 101 0.72 -1.10 -4.31
CA PHE C 101 0.84 -1.89 -3.10
C PHE C 101 -0.30 -1.57 -2.15
N GLY C 102 -0.63 -2.54 -1.32
CA GLY C 102 -1.48 -2.26 -0.19
C GLY C 102 -0.67 -1.67 0.94
N GLY C 103 -1.39 -1.24 1.99
CA GLY C 103 -0.72 -0.69 3.14
C GLY C 103 -0.06 -1.71 4.04
N GLY C 104 -0.33 -2.98 3.82
CA GLY C 104 0.24 -3.98 4.69
C GLY C 104 -0.73 -4.44 5.76
N THR C 105 -0.59 -5.68 6.18
CA THR C 105 -1.39 -6.22 7.25
C THR C 105 -0.45 -6.99 8.17
N LYS C 106 -0.47 -6.68 9.45
CA LYS C 106 0.24 -7.50 10.42
C LYS C 106 -0.60 -8.74 10.72
N LEU C 107 0.01 -9.92 10.55
CA LEU C 107 -0.59 -11.20 10.87
C LEU C 107 0.04 -11.70 12.17
N THR C 108 -0.80 -11.83 13.21
CA THR C 108 -0.37 -12.23 14.54
C THR C 108 -0.87 -13.64 14.85
N VAL C 109 0.04 -14.49 15.33
CA VAL C 109 -0.35 -15.76 15.92
C VAL C 109 -0.72 -15.48 17.37
N LEU C 110 -2.03 -15.49 17.66
CA LEU C 110 -2.54 -15.06 18.95
C LEU C 110 -1.95 -15.88 20.10
N GLY C 111 -1.04 -15.28 20.86
CA GLY C 111 -0.52 -15.88 22.07
C GLY C 111 -1.32 -15.57 23.31
N GLN C 112 -2.36 -14.77 23.19
CA GLN C 112 -3.26 -14.44 24.28
C GLN C 112 -4.56 -13.91 23.67
N PRO C 113 -5.62 -13.78 24.46
CA PRO C 113 -6.87 -13.31 23.87
C PRO C 113 -6.77 -11.86 23.41
N LYS C 114 -7.58 -11.54 22.42
CA LYS C 114 -7.66 -10.17 21.89
C LYS C 114 -8.03 -9.18 23.00
N ALA C 115 -7.58 -7.94 22.83
CA ALA C 115 -7.83 -6.87 23.79
C ALA C 115 -8.14 -5.58 23.04
N ALA C 116 -9.31 -5.01 23.30
CA ALA C 116 -9.69 -3.77 22.65
C ALA C 116 -8.93 -2.60 23.26
N PRO C 117 -8.71 -1.53 22.49
CA PRO C 117 -7.88 -0.43 23.00
C PRO C 117 -8.64 0.62 23.80
N SER C 118 -7.95 1.16 24.80
CA SER C 118 -8.35 2.38 25.48
C SER C 118 -7.76 3.59 24.76
N VAL C 119 -8.60 4.61 24.56
CA VAL C 119 -8.24 5.78 23.79
C VAL C 119 -8.50 7.03 24.63
N THR C 120 -7.49 7.89 24.73
CA THR C 120 -7.59 9.16 25.42
C THR C 120 -7.16 10.28 24.49
N LEU C 121 -7.98 11.31 24.36
CA LEU C 121 -7.75 12.41 23.43
C LEU C 121 -7.59 13.71 24.19
N PHE C 122 -6.51 14.43 23.92
CA PHE C 122 -6.19 15.72 24.52
C PHE C 122 -6.27 16.81 23.45
N PRO C 123 -6.99 17.88 23.73
CA PRO C 123 -7.00 19.04 22.83
C PRO C 123 -5.69 19.83 22.95
N PRO C 124 -5.49 20.85 22.12
CA PRO C 124 -4.27 21.67 22.25
C PRO C 124 -4.29 22.50 23.54
N SER C 125 -3.13 22.61 24.17
CA SER C 125 -3.00 23.51 25.32
C SER C 125 -3.05 24.97 24.88
N SER C 126 -3.50 25.84 25.80
CA SER C 126 -3.46 27.27 25.48
C SER C 126 -2.04 27.77 25.29
N GLU C 127 -1.07 27.15 25.98
CA GLU C 127 0.33 27.52 25.81
C GLU C 127 0.76 27.32 24.36
N GLU C 128 0.42 26.16 23.79
CA GLU C 128 0.85 25.88 22.42
C GLU C 128 0.16 26.84 21.44
N LEU C 129 -1.10 27.16 21.68
CA LEU C 129 -1.79 28.08 20.80
C LEU C 129 -1.16 29.46 20.89
N GLN C 130 -0.64 29.81 22.07
CA GLN C 130 0.10 31.06 22.22
C GLN C 130 1.39 31.03 21.39
N ALA C 131 1.98 29.85 21.21
CA ALA C 131 3.15 29.70 20.35
C ALA C 131 2.77 29.50 18.88
N ASN C 132 1.53 29.82 18.51
CA ASN C 132 1.07 29.75 17.11
C ASN C 132 1.13 28.33 16.54
N LYS C 133 0.77 27.34 17.36
CA LYS C 133 0.70 25.95 16.94
C LYS C 133 -0.48 25.27 17.65
N ALA C 134 -0.84 24.09 17.16
CA ALA C 134 -1.94 23.34 17.75
C ALA C 134 -1.70 21.87 17.51
N THR C 135 -1.91 21.05 18.54
CA THR C 135 -1.68 19.62 18.40
C THR C 135 -2.73 18.87 19.20
N LEU C 136 -3.47 18.00 18.53
CA LEU C 136 -4.31 17.03 19.22
C LEU C 136 -3.47 15.78 19.47
N VAL C 137 -3.61 15.24 20.68
CA VAL C 137 -2.85 14.09 21.13
C VAL C 137 -3.84 12.95 21.36
N CYS C 138 -3.64 11.83 20.66
CA CYS C 138 -4.49 10.66 20.79
C CYS C 138 -3.62 9.51 21.30
N LEU C 139 -3.92 9.00 22.49
CA LEU C 139 -3.15 7.91 23.08
C LEU C 139 -3.98 6.64 23.11
N ILE C 140 -3.37 5.54 22.67
CA ILE C 140 -4.04 4.26 22.50
C ILE C 140 -3.24 3.23 23.28
N SER C 141 -3.91 2.51 24.18
CA SER C 141 -3.17 1.58 25.02
C SER C 141 -3.97 0.30 25.23
N ASP C 142 -3.25 -0.76 25.60
CA ASP C 142 -3.82 -2.00 26.11
C ASP C 142 -4.57 -2.77 25.03
N PHE C 143 -4.08 -2.73 23.79
CA PHE C 143 -4.73 -3.50 22.74
C PHE C 143 -3.84 -4.65 22.31
N TYR C 144 -4.49 -5.69 21.79
CA TYR C 144 -3.81 -6.87 21.34
C TYR C 144 -4.71 -7.53 20.30
N PRO C 145 -4.17 -7.90 19.13
CA PRO C 145 -2.75 -7.79 18.78
C PRO C 145 -2.29 -6.36 18.45
N GLY C 146 -0.96 -6.18 18.31
CA GLY C 146 -0.37 -4.86 18.16
C GLY C 146 -0.43 -4.26 16.78
N ALA C 147 -1.63 -3.97 16.30
CA ALA C 147 -1.80 -3.30 15.00
C ALA C 147 -3.14 -2.59 15.00
N VAL C 148 -3.15 -1.31 14.65
CA VAL C 148 -4.36 -0.51 14.63
C VAL C 148 -4.33 0.42 13.43
N THR C 149 -5.49 0.93 13.08
CA THR C 149 -5.63 2.01 12.10
C THR C 149 -6.13 3.25 12.83
N VAL C 150 -5.51 4.40 12.58
CA VAL C 150 -5.93 5.65 13.19
C VAL C 150 -6.36 6.59 12.06
N ALA C 151 -7.49 7.23 12.26
CA ALA C 151 -8.01 8.17 11.29
C ALA C 151 -8.47 9.41 12.02
N TRP C 152 -8.31 10.55 11.38
CA TRP C 152 -8.72 11.78 12.01
C TRP C 152 -9.79 12.43 11.15
N LYS C 153 -10.77 13.04 11.81
CA LYS C 153 -11.86 13.71 11.11
C LYS C 153 -12.09 15.08 11.72
N ALA C 154 -12.47 16.03 10.88
CA ALA C 154 -12.85 17.38 11.31
C ALA C 154 -14.20 17.65 10.69
N ASP C 155 -15.26 17.64 11.49
CA ASP C 155 -16.63 17.76 11.00
C ASP C 155 -16.89 16.76 9.87
N SER C 156 -16.62 15.48 10.15
CA SER C 156 -16.84 14.35 9.25
C SER C 156 -15.88 14.36 8.06
N SER C 157 -15.14 15.43 7.90
CA SER C 157 -14.23 15.46 6.78
C SER C 157 -12.91 14.83 7.15
N PRO C 158 -12.43 13.86 6.38
CA PRO C 158 -11.17 13.18 6.71
C PRO C 158 -9.98 14.13 6.64
N VAL C 159 -9.13 14.06 7.65
CA VAL C 159 -7.91 14.84 7.70
C VAL C 159 -6.73 13.91 7.44
N LYS C 160 -5.95 14.20 6.41
CA LYS C 160 -4.76 13.41 6.16
C LYS C 160 -3.49 14.23 6.12
N ALA C 161 -3.56 15.54 6.35
CA ALA C 161 -2.38 16.38 6.44
C ALA C 161 -2.11 16.69 7.90
N GLY C 162 -0.86 16.53 8.31
CA GLY C 162 -0.49 16.83 9.68
C GLY C 162 -0.70 15.70 10.66
N VAL C 163 -0.87 14.47 10.18
CA VAL C 163 -1.09 13.31 11.02
C VAL C 163 0.22 12.55 11.17
N GLU C 164 0.58 12.23 12.40
CA GLU C 164 1.74 11.37 12.65
C GLU C 164 1.32 10.29 13.63
N THR C 165 1.56 9.03 13.27
CA THR C 165 1.13 7.91 14.11
C THR C 165 2.30 6.97 14.33
N THR C 166 2.51 6.57 15.59
CA THR C 166 3.58 5.63 15.87
C THR C 166 3.21 4.23 15.40
N THR C 167 4.21 3.42 15.26
CA THR C 167 4.03 1.98 15.21
C THR C 167 3.79 1.46 16.63
N PRO C 168 2.87 0.52 16.81
CA PRO C 168 2.60 0.01 18.16
C PRO C 168 3.87 -0.53 18.81
N SER C 169 3.95 -0.36 20.13
CA SER C 169 5.05 -0.87 20.92
C SER C 169 4.50 -1.65 22.11
N LYS C 170 5.21 -2.71 22.49
CA LYS C 170 4.72 -3.64 23.52
C LYS C 170 4.86 -3.03 24.91
N GLN C 171 3.81 -3.14 25.71
CA GLN C 171 3.80 -2.70 27.10
C GLN C 171 4.33 -3.81 28.00
N SER C 172 4.54 -3.48 29.27
CA SER C 172 5.06 -4.48 30.20
C SER C 172 4.09 -5.64 30.40
N ASN C 173 2.81 -5.45 30.10
CA ASN C 173 1.79 -6.50 30.25
C ASN C 173 1.53 -7.26 28.95
N ASN C 174 2.43 -7.19 27.98
CA ASN C 174 2.36 -7.88 26.70
C ASN C 174 1.26 -7.33 25.78
N LYS C 175 0.53 -6.30 26.20
CA LYS C 175 -0.34 -5.56 25.31
C LYS C 175 0.43 -4.38 24.69
N TYR C 176 -0.22 -3.68 23.78
CA TYR C 176 0.48 -2.73 22.92
C TYR C 176 -0.07 -1.33 23.12
N ALA C 177 0.80 -0.36 22.87
CA ALA C 177 0.44 1.05 22.97
C ALA C 177 0.91 1.78 21.73
N ALA C 178 0.23 2.89 21.43
CA ALA C 178 0.53 3.69 20.26
C ALA C 178 0.02 5.10 20.50
N SER C 179 0.43 6.01 19.64
CA SER C 179 -0.04 7.38 19.75
C SER C 179 -0.15 7.97 18.35
N SER C 180 -1.07 8.91 18.21
CA SER C 180 -1.28 9.66 17.00
C SER C 180 -1.37 11.14 17.36
N TYR C 181 -0.89 11.98 16.45
CA TYR C 181 -0.80 13.41 16.65
C TYR C 181 -1.33 14.11 15.42
N LEU C 182 -2.20 15.09 15.63
CA LEU C 182 -2.71 15.92 14.56
C LEU C 182 -2.23 17.36 14.76
N SER C 183 -1.48 17.89 13.80
CA SER C 183 -0.91 19.25 13.90
C SER C 183 -1.74 20.23 13.08
N LEU C 184 -2.20 21.28 13.73
CA LEU C 184 -3.07 22.30 13.15
C LEU C 184 -2.44 23.67 13.36
N THR C 185 -2.87 24.61 12.54
CA THR C 185 -2.68 26.00 12.90
C THR C 185 -3.83 26.44 13.79
N PRO C 186 -3.62 27.41 14.68
CA PRO C 186 -4.71 27.85 15.56
C PRO C 186 -5.96 28.25 14.81
N GLU C 187 -5.81 28.91 13.66
CA GLU C 187 -6.96 29.23 12.83
C GLU C 187 -7.64 27.95 12.34
N GLN C 188 -6.86 26.95 11.90
CA GLN C 188 -7.45 25.68 11.52
C GLN C 188 -8.19 25.07 12.71
N TRP C 189 -7.57 25.06 13.88
CA TRP C 189 -8.19 24.47 15.06
C TRP C 189 -9.51 25.15 15.39
N LYS C 190 -9.57 26.47 15.20
CA LYS C 190 -10.78 27.22 15.55
C LYS C 190 -11.85 27.18 14.46
N SER C 191 -11.47 26.92 13.21
CA SER C 191 -12.42 27.02 12.11
C SER C 191 -13.32 25.80 11.96
N HIS C 192 -13.13 24.77 12.78
CA HIS C 192 -14.02 23.62 12.79
C HIS C 192 -14.76 23.55 14.11
N ARG C 193 -15.90 22.83 14.11
CA ARG C 193 -16.66 22.71 15.33
C ARG C 193 -16.29 21.48 16.15
N SER C 194 -15.79 20.43 15.53
CA SER C 194 -15.34 19.31 16.34
C SER C 194 -14.31 18.51 15.56
N TYR C 195 -13.43 17.84 16.29
CA TYR C 195 -12.44 16.93 15.74
C TYR C 195 -12.57 15.59 16.42
N SER C 196 -12.18 14.54 15.72
CA SER C 196 -12.23 13.21 16.31
C SER C 196 -11.05 12.36 15.86
N CYS C 197 -10.65 11.50 16.78
CA CYS C 197 -9.65 10.46 16.57
C CYS C 197 -10.41 9.12 16.56
N GLN C 198 -10.17 8.30 15.53
CA GLN C 198 -10.88 7.04 15.35
C GLN C 198 -9.88 5.92 15.24
N VAL C 199 -9.96 4.95 16.14
CA VAL C 199 -9.00 3.87 16.25
C VAL C 199 -9.73 2.58 15.90
N THR C 200 -9.32 1.95 14.82
CA THR C 200 -9.89 0.68 14.38
C THR C 200 -8.94 -0.45 14.73
N HIS C 201 -9.46 -1.47 15.40
CA HIS C 201 -8.69 -2.63 15.86
C HIS C 201 -9.55 -3.87 15.68
N GLU C 202 -9.09 -4.78 14.81
CA GLU C 202 -9.79 -6.04 14.54
C GLU C 202 -11.28 -5.82 14.29
N GLY C 203 -11.58 -4.85 13.42
CA GLY C 203 -12.93 -4.57 13.00
C GLY C 203 -13.77 -3.75 13.97
N SER C 204 -13.23 -3.33 15.12
CA SER C 204 -13.99 -2.56 16.09
C SER C 204 -13.35 -1.19 16.28
N THR C 205 -14.19 -0.15 16.40
CA THR C 205 -13.72 1.22 16.35
C THR C 205 -14.06 1.99 17.61
N VAL C 206 -13.08 2.75 18.11
CA VAL C 206 -13.25 3.67 19.22
C VAL C 206 -13.01 5.08 18.72
N GLU C 207 -13.93 5.97 19.02
CA GLU C 207 -13.89 7.35 18.54
C GLU C 207 -13.93 8.29 19.73
N LYS C 208 -12.98 9.22 19.79
CA LYS C 208 -12.94 10.29 20.78
C LYS C 208 -13.02 11.63 20.09
N THR C 209 -13.70 12.59 20.72
CA THR C 209 -14.00 13.87 20.07
C THR C 209 -13.69 15.04 21.01
N VAL C 210 -13.09 16.08 20.45
CA VAL C 210 -12.85 17.34 21.15
C VAL C 210 -13.39 18.49 20.31
N ALA C 211 -13.87 19.53 20.98
CA ALA C 211 -14.46 20.67 20.32
C ALA C 211 -13.83 21.96 20.85
N PRO C 212 -13.46 22.89 19.98
CA PRO C 212 -12.86 24.14 20.46
C PRO C 212 -13.77 24.94 21.39
N THR C 213 -15.10 24.84 21.24
CA THR C 213 -16.02 25.60 22.06
C THR C 213 -16.70 24.73 23.11
N GLU C 214 -16.03 23.68 23.56
CA GLU C 214 -16.56 22.88 24.66
C GLU C 214 -15.44 22.15 25.38
C1 NAG D . -33.92 -10.76 -32.04
C2 NAG D . -34.04 -10.38 -33.51
C3 NAG D . -35.03 -9.23 -33.69
C4 NAG D . -36.37 -9.59 -33.04
C5 NAG D . -36.16 -10.00 -31.58
C6 NAG D . -37.43 -10.49 -30.92
C7 NAG D . -32.30 -10.47 -35.24
C8 NAG D . -30.94 -10.00 -35.67
N2 NAG D . -32.75 -10.01 -34.07
O3 NAG D . -35.22 -8.96 -35.07
O4 NAG D . -37.25 -8.48 -33.10
O5 NAG D . -35.22 -11.08 -31.53
O6 NAG D . -37.28 -11.82 -30.45
O7 NAG D . -32.96 -11.24 -35.93
C1 NAG E . 26.90 -9.36 -19.62
C2 NAG E . 28.43 -9.31 -19.70
C3 NAG E . 28.88 -8.31 -20.76
C4 NAG E . 28.24 -8.65 -22.10
C5 NAG E . 26.71 -8.69 -21.95
C6 NAG E . 26.00 -9.11 -23.22
C7 NAG E . 29.36 -9.89 -17.50
C8 NAG E . 29.96 -9.36 -16.23
N2 NAG E . 29.02 -8.97 -18.41
O3 NAG E . 30.29 -8.32 -20.89
O4 NAG E . 28.60 -7.67 -23.07
O5 NAG E . 26.35 -9.64 -20.94
O6 NAG E . 26.47 -10.36 -23.71
O7 NAG E . 29.17 -11.09 -17.68
#